data_5J6Y
#
_entry.id   5J6Y
#
_cell.length_a   45.220
_cell.length_b   50.550
_cell.length_c   79.420
_cell.angle_alpha   90.00
_cell.angle_beta   90.00
_cell.angle_gamma   90.00
#
_symmetry.space_group_name_H-M   'P 21 21 21'
#
loop_
_entity.id
_entity.type
_entity.pdbx_description
1 polymer 'Antifreeze protein'
2 non-polymer 'CALCIUM ION'
3 non-polymer alpha-D-glucopyranose
4 non-polymer beta-D-glucopyranose
5 water water
#
_entity_poly.entity_id   1
_entity_poly.type   'polypeptide(L)'
_entity_poly.pdbx_seq_one_letter_code
;AQDDSTPDSLFAGLVGEYYGTNSQLNNISDFRALVDSKEADATFEAANISYGRGSSDVAKGTHLQEFLGSDASTLSTDPG
DNTDGGIYLQGYVYLEAGTYNFKVTADDGYEITINGNPVATVDNNQSVYTVTHASFTISESGYQAIDMIWWDQGGDYVFQ
PTLSADGGSTYFVLDSAILSSTGETPYT
;
_entity_poly.pdbx_strand_id   A
#
loop_
_chem_comp.id
_chem_comp.type
_chem_comp.name
_chem_comp.formula
BGC D-saccharide, beta linking beta-D-glucopyranose 'C6 H12 O6'
CA non-polymer 'CALCIUM ION' 'Ca 2'
GLC D-saccharide, alpha linking alpha-D-glucopyranose 'C6 H12 O6'
#
# COMPACT_ATOMS: atom_id res chain seq x y z
N ALA A 1 7.01 -8.90 -15.18
CA ALA A 1 6.92 -9.20 -16.60
C ALA A 1 5.46 -9.41 -17.03
N GLN A 2 5.23 -9.31 -18.34
CA GLN A 2 3.92 -9.57 -18.91
C GLN A 2 3.55 -11.04 -18.72
N ASP A 3 2.34 -11.32 -18.23
CA ASP A 3 1.94 -12.70 -18.00
C ASP A 3 0.55 -13.07 -18.54
N ASP A 4 -0.01 -12.24 -19.41
CA ASP A 4 -1.26 -12.58 -20.09
C ASP A 4 -1.43 -11.84 -21.42
N SER A 5 -2.68 -11.70 -21.87
CA SER A 5 -2.96 -11.10 -23.16
C SER A 5 -3.38 -9.63 -23.06
N THR A 6 -3.21 -9.03 -21.88
CA THR A 6 -3.65 -7.67 -21.67
C THR A 6 -2.47 -6.74 -21.45
N PRO A 7 -2.39 -5.66 -22.27
CA PRO A 7 -1.32 -4.67 -22.03
C PRO A 7 -1.54 -4.00 -20.68
N ASP A 8 -0.47 -3.79 -19.93
CA ASP A 8 -0.61 -3.22 -18.60
C ASP A 8 -0.15 -1.78 -18.60
N SER A 9 -0.89 -0.92 -17.90
CA SER A 9 -0.49 0.46 -17.82
C SER A 9 0.89 0.61 -17.16
N LEU A 10 1.80 1.36 -17.81
CA LEU A 10 3.10 1.70 -17.23
C LEU A 10 3.01 3.09 -16.63
N PHE A 11 3.19 3.17 -15.32
CA PHE A 11 3.20 4.45 -14.62
C PHE A 11 4.14 4.34 -13.44
N ALA A 12 4.53 5.48 -12.91
CA ALA A 12 5.46 5.56 -11.78
C ALA A 12 4.68 5.45 -10.48
N GLY A 13 4.29 4.23 -10.14
CA GLY A 13 3.45 3.96 -8.99
C GLY A 13 3.18 2.49 -8.91
N LEU A 14 2.47 2.07 -7.86
CA LEU A 14 1.98 0.72 -7.75
C LEU A 14 0.53 0.62 -8.25
N VAL A 15 0.16 -0.55 -8.76
CA VAL A 15 -1.22 -0.81 -9.11
C VAL A 15 -2.05 -0.89 -7.81
N GLY A 16 -3.06 -0.04 -7.68
CA GLY A 16 -3.87 -0.01 -6.47
C GLY A 16 -5.26 -0.55 -6.67
N GLU A 17 -5.72 -1.31 -5.70
CA GLU A 17 -7.10 -1.80 -5.65
C GLU A 17 -7.68 -1.50 -4.29
N TYR A 18 -8.92 -1.02 -4.30
CA TYR A 18 -9.65 -0.77 -3.06
C TYR A 18 -10.80 -1.78 -2.94
N TYR A 19 -10.99 -2.30 -1.74
CA TYR A 19 -12.08 -3.22 -1.45
C TYR A 19 -12.81 -2.77 -0.19
N GLY A 20 -14.12 -2.70 -0.27
CA GLY A 20 -14.94 -2.43 0.90
C GLY A 20 -15.78 -3.63 1.30
N THR A 21 -16.24 -3.65 2.56
CA THR A 21 -17.07 -4.73 3.05
C THR A 21 -17.90 -4.24 4.23
N ASN A 22 -18.99 -4.95 4.51
CA ASN A 22 -19.78 -4.67 5.70
C ASN A 22 -19.57 -5.74 6.79
N SER A 23 -18.56 -6.58 6.59
CA SER A 23 -18.07 -7.50 7.61
C SER A 23 -16.89 -6.86 8.33
N GLN A 24 -16.55 -7.40 9.50
CA GLN A 24 -15.45 -6.87 10.27
C GLN A 24 -14.10 -7.36 9.77
N LEU A 25 -13.18 -6.43 9.57
CA LEU A 25 -11.79 -6.77 9.28
C LEU A 25 -10.98 -6.73 10.58
N ASN A 26 -10.50 -7.89 11.02
CA ASN A 26 -9.73 -7.98 12.27
C ASN A 26 -8.24 -8.16 12.08
N ASN A 27 -7.81 -8.59 10.90
CA ASN A 27 -6.44 -9.01 10.71
C ASN A 27 -6.15 -9.13 9.24
N ILE A 28 -4.90 -9.46 8.94
CA ILE A 28 -4.44 -9.54 7.56
C ILE A 28 -5.23 -10.59 6.77
N SER A 29 -5.46 -11.75 7.38
CA SER A 29 -6.21 -12.83 6.75
C SER A 29 -7.59 -12.37 6.29
N ASP A 30 -8.28 -11.62 7.14
CA ASP A 30 -9.61 -11.13 6.80
C ASP A 30 -9.55 -10.24 5.56
N PHE A 31 -8.56 -9.36 5.50
CA PHE A 31 -8.49 -8.45 4.36
C PHE A 31 -8.11 -9.21 3.09
N ARG A 32 -7.13 -10.11 3.19
CA ARG A 32 -6.76 -10.90 2.02
C ARG A 32 -7.93 -11.74 1.51
N ALA A 33 -8.73 -12.27 2.41
CA ALA A 33 -9.91 -13.03 2.00
C ALA A 33 -10.90 -12.12 1.27
N LEU A 34 -11.04 -10.88 1.73
CA LEU A 34 -11.91 -9.93 1.03
C LEU A 34 -11.38 -9.71 -0.40
N VAL A 35 -10.08 -9.47 -0.53
CA VAL A 35 -9.50 -9.28 -1.86
C VAL A 35 -9.78 -10.47 -2.78
N ASP A 36 -9.66 -11.68 -2.23
CA ASP A 36 -9.92 -12.96 -2.91
CA ASP A 36 -9.87 -12.83 -3.09
C ASP A 36 -11.36 -13.11 -3.37
N SER A 37 -12.27 -12.46 -2.67
CA SER A 37 -13.68 -12.75 -2.81
C SER A 37 -14.43 -12.09 -3.97
N LYS A 38 -13.83 -11.08 -4.59
CA LYS A 38 -14.56 -10.31 -5.59
C LYS A 38 -13.60 -9.44 -6.35
N GLU A 39 -14.10 -8.77 -7.38
CA GLU A 39 -13.36 -7.75 -8.09
C GLU A 39 -13.22 -6.50 -7.23
N ALA A 40 -12.15 -5.74 -7.45
CA ALA A 40 -11.95 -4.51 -6.68
C ALA A 40 -13.14 -3.58 -6.83
N ASP A 41 -13.49 -2.91 -5.75
CA ASP A 41 -14.50 -1.89 -5.80
C ASP A 41 -14.03 -0.63 -6.52
N ALA A 42 -12.71 -0.38 -6.54
CA ALA A 42 -12.13 0.66 -7.38
C ALA A 42 -10.67 0.34 -7.59
N THR A 43 -10.10 0.86 -8.68
CA THR A 43 -8.66 0.77 -8.91
C THR A 43 -8.10 2.19 -8.96
N PHE A 44 -6.80 2.30 -8.75
CA PHE A 44 -6.14 3.60 -8.76
C PHE A 44 -4.64 3.38 -8.95
N GLU A 45 -3.91 4.46 -9.21
CA GLU A 45 -2.47 4.46 -9.31
C GLU A 45 -1.92 4.96 -7.99
N ALA A 46 -1.12 4.14 -7.31
CA ALA A 46 -0.55 4.53 -6.02
C ALA A 46 0.86 5.10 -6.25
N ALA A 47 0.90 6.40 -6.51
CA ALA A 47 2.14 7.10 -6.84
C ALA A 47 2.72 7.89 -5.69
N ASN A 48 1.99 8.03 -4.58
CA ASN A 48 2.52 8.79 -3.45
C ASN A 48 1.95 8.14 -2.20
N ILE A 49 2.65 7.15 -1.68
CA ILE A 49 2.07 6.25 -0.68
C ILE A 49 2.20 6.83 0.73
N SER A 50 1.37 7.83 0.98
CA SER A 50 1.28 8.52 2.26
C SER A 50 -0.15 8.99 2.36
N TYR A 51 -0.97 8.22 3.05
CA TYR A 51 -2.42 8.37 2.98
C TYR A 51 -3.00 8.73 4.33
N GLY A 52 -4.02 9.56 4.32
CA GLY A 52 -4.65 9.97 5.58
C GLY A 52 -3.84 11.05 6.26
N ARG A 53 -4.13 11.37 7.53
CA ARG A 53 -5.10 10.73 8.43
C ARG A 53 -6.49 11.32 8.26
N GLY A 54 -7.52 10.50 8.52
CA GLY A 54 -8.88 10.98 8.54
C GLY A 54 -9.69 10.22 9.57
N SER A 55 -10.97 10.59 9.66
CA SER A 55 -11.89 10.04 10.63
C SER A 55 -13.21 9.60 10.00
N SER A 56 -14.01 8.90 10.78
CA SER A 56 -15.36 8.53 10.41
C SER A 56 -15.44 7.51 9.26
N ASP A 57 -14.48 6.57 9.27
CA ASP A 57 -14.49 5.34 8.45
C ASP A 57 -13.99 5.58 7.02
N VAL A 58 -12.93 4.90 6.61
CA VAL A 58 -12.39 5.15 5.28
C VAL A 58 -13.38 4.78 4.19
N ALA A 59 -14.27 3.82 4.50
CA ALA A 59 -15.13 3.23 3.50
C ALA A 59 -16.43 4.00 3.31
N LYS A 60 -16.61 5.08 4.06
N LYS A 60 -16.63 5.08 4.05
CA LYS A 60 -17.83 5.89 3.97
CA LYS A 60 -17.86 5.87 3.95
C LYS A 60 -17.62 7.15 3.14
C LYS A 60 -17.66 7.19 3.21
N GLY A 61 -18.69 7.60 2.48
CA GLY A 61 -18.69 8.90 1.79
C GLY A 61 -17.50 9.08 0.89
N THR A 62 -16.85 10.23 1.03
CA THR A 62 -15.68 10.58 0.23
C THR A 62 -14.39 10.42 1.02
N HIS A 63 -14.44 9.63 2.09
CA HIS A 63 -13.25 9.47 2.90
C HIS A 63 -12.10 8.80 2.19
N LEU A 64 -12.39 7.87 1.30
CA LEU A 64 -11.33 7.21 0.53
C LEU A 64 -10.58 8.23 -0.34
N GLN A 65 -11.34 9.09 -1.00
CA GLN A 65 -10.77 10.13 -1.83
C GLN A 65 -9.85 11.02 -1.01
N GLU A 66 -10.30 11.40 0.18
CA GLU A 66 -9.52 12.27 1.04
C GLU A 66 -8.24 11.56 1.47
N PHE A 67 -8.38 10.29 1.85
CA PHE A 67 -7.25 9.46 2.28
C PHE A 67 -6.20 9.32 1.20
N LEU A 68 -6.63 9.02 -0.02
CA LEU A 68 -5.69 8.82 -1.13
C LEU A 68 -5.06 10.12 -1.65
N GLY A 69 -5.73 11.25 -1.39
CA GLY A 69 -5.22 12.57 -1.73
C GLY A 69 -4.78 12.71 -3.17
N SER A 70 -3.49 12.98 -3.37
CA SER A 70 -2.88 13.13 -4.68
C SER A 70 -3.11 11.95 -5.63
N ASP A 71 -3.40 10.77 -5.12
CA ASP A 71 -3.64 9.59 -5.95
C ASP A 71 -5.12 9.40 -6.29
N ALA A 72 -6.01 10.11 -5.61
CA ALA A 72 -7.45 9.92 -5.82
C ALA A 72 -7.96 10.27 -7.22
N SER A 73 -7.23 11.14 -7.94
CA SER A 73 -7.66 11.53 -9.28
C SER A 73 -7.56 10.39 -10.28
N THR A 74 -6.93 9.29 -9.87
CA THR A 74 -6.83 8.11 -10.73
C THR A 74 -7.84 7.02 -10.37
N LEU A 75 -8.75 7.31 -9.45
CA LEU A 75 -9.78 6.33 -9.11
C LEU A 75 -10.65 5.96 -10.31
N SER A 76 -10.90 4.67 -10.49
CA SER A 76 -11.74 4.21 -11.58
C SER A 76 -13.20 4.46 -11.35
N THR A 77 -13.62 4.51 -10.09
N THR A 77 -13.59 4.67 -10.10
CA THR A 77 -15.00 4.78 -9.70
CA THR A 77 -14.98 4.88 -9.75
C THR A 77 -14.97 5.46 -8.33
C THR A 77 -15.01 5.33 -8.30
N ASP A 78 -16.14 5.90 -7.89
CA ASP A 78 -16.34 6.32 -6.50
C ASP A 78 -17.12 5.20 -5.83
N PRO A 79 -16.46 4.40 -4.97
CA PRO A 79 -17.18 3.30 -4.33
C PRO A 79 -18.35 3.79 -3.48
N GLY A 80 -19.37 2.95 -3.36
CA GLY A 80 -20.43 3.22 -2.41
C GLY A 80 -19.98 3.02 -0.97
N ASP A 81 -20.87 3.27 -0.03
CA ASP A 81 -20.53 3.11 1.37
C ASP A 81 -20.33 1.65 1.76
N ASN A 82 -19.35 1.43 2.63
CA ASN A 82 -19.19 0.19 3.39
C ASN A 82 -18.75 0.56 4.80
N THR A 83 -18.78 -0.40 5.72
CA THR A 83 -18.31 -0.11 7.08
C THR A 83 -16.79 -0.21 7.19
N ASP A 84 -16.19 -1.14 6.45
CA ASP A 84 -14.78 -1.49 6.56
C ASP A 84 -14.18 -1.48 5.16
N GLY A 85 -12.89 -1.23 5.03
CA GLY A 85 -12.30 -1.28 3.71
C GLY A 85 -10.80 -1.22 3.77
N GLY A 86 -10.16 -1.48 2.64
CA GLY A 86 -8.72 -1.39 2.60
C GLY A 86 -8.18 -1.40 1.20
N ILE A 87 -6.85 -1.38 1.10
CA ILE A 87 -6.19 -1.34 -0.20
C ILE A 87 -5.19 -2.47 -0.35
N TYR A 88 -5.01 -2.88 -1.61
CA TYR A 88 -4.00 -3.84 -2.01
C TYR A 88 -3.20 -3.17 -3.13
N LEU A 89 -1.89 -3.01 -2.92
CA LEU A 89 -1.01 -2.35 -3.87
C LEU A 89 -0.01 -3.37 -4.36
N GLN A 90 0.32 -3.36 -5.65
CA GLN A 90 1.35 -4.27 -6.15
C GLN A 90 2.10 -3.67 -7.31
N GLY A 91 3.39 -3.97 -7.39
CA GLY A 91 4.20 -3.52 -8.49
C GLY A 91 5.67 -3.66 -8.15
N TYR A 92 6.45 -2.64 -8.44
CA TYR A 92 7.91 -2.69 -8.32
C TYR A 92 8.44 -1.41 -7.72
N VAL A 93 9.57 -1.55 -7.03
CA VAL A 93 10.26 -0.42 -6.43
C VAL A 93 11.74 -0.54 -6.73
N TYR A 94 12.33 0.53 -7.22
CA TYR A 94 13.77 0.52 -7.52
C TYR A 94 14.55 0.69 -6.24
N LEU A 95 15.36 -0.32 -5.93
CA LEU A 95 16.25 -0.28 -4.78
C LEU A 95 17.62 -0.82 -5.15
N GLU A 96 18.67 -0.11 -4.74
CA GLU A 96 20.03 -0.60 -4.89
CA GLU A 96 20.02 -0.60 -4.90
C GLU A 96 20.27 -1.72 -3.88
N ALA A 97 21.18 -2.62 -4.20
CA ALA A 97 21.57 -3.66 -3.25
C ALA A 97 22.01 -3.01 -1.94
N GLY A 98 21.63 -3.61 -0.81
CA GLY A 98 21.98 -3.06 0.48
C GLY A 98 20.95 -3.42 1.54
N THR A 99 21.00 -2.73 2.67
CA THR A 99 20.13 -3.00 3.80
C THR A 99 19.13 -1.87 3.97
N TYR A 100 17.91 -2.22 4.32
CA TYR A 100 16.79 -1.27 4.44
C TYR A 100 15.92 -1.65 5.62
N ASN A 101 15.11 -0.71 6.09
CA ASN A 101 14.02 -1.05 7.00
C ASN A 101 12.87 -0.09 6.86
N PHE A 102 11.65 -0.61 7.01
CA PHE A 102 10.47 0.22 7.04
C PHE A 102 10.20 0.80 8.43
N LYS A 103 9.54 1.95 8.43
CA LYS A 103 8.96 2.54 9.63
C LYS A 103 7.59 3.02 9.18
N VAL A 104 6.53 2.43 9.75
CA VAL A 104 5.18 2.60 9.23
C VAL A 104 4.27 3.17 10.29
N THR A 105 3.54 4.22 9.92
CA THR A 105 2.49 4.78 10.75
C THR A 105 1.16 4.32 10.18
N ALA A 106 0.30 3.73 11.01
CA ALA A 106 -0.94 3.16 10.49
C ALA A 106 -2.04 3.04 11.52
N ASP A 107 -3.27 3.11 11.02
CA ASP A 107 -4.49 2.67 11.68
C ASP A 107 -5.32 2.19 10.49
N ASP A 108 -5.67 0.91 10.34
CA ASP A 108 -5.46 -0.17 11.29
C ASP A 108 -4.15 -0.91 10.95
N GLY A 109 -4.20 -2.17 10.54
CA GLY A 109 -3.02 -2.96 10.29
C GLY A 109 -2.60 -3.00 8.84
N TYR A 110 -1.55 -3.78 8.57
CA TYR A 110 -0.95 -3.78 7.24
C TYR A 110 0.05 -4.92 7.10
N GLU A 111 0.40 -5.22 5.86
CA GLU A 111 1.55 -6.04 5.59
C GLU A 111 2.21 -5.63 4.29
N ILE A 112 3.53 -5.47 4.32
CA ILE A 112 4.32 -5.15 3.12
C ILE A 112 5.25 -6.32 2.86
N THR A 113 5.31 -6.77 1.61
CA THR A 113 6.24 -7.80 1.22
C THR A 113 7.13 -7.30 0.09
N ILE A 114 8.38 -7.75 0.08
CA ILE A 114 9.33 -7.43 -0.98
C ILE A 114 9.92 -8.74 -1.45
N ASN A 115 9.88 -8.94 -2.77
CA ASN A 115 10.34 -10.16 -3.39
C ASN A 115 9.73 -11.38 -2.70
N GLY A 116 8.46 -11.25 -2.34
CA GLY A 116 7.72 -12.34 -1.74
C GLY A 116 7.79 -12.48 -0.23
N ASN A 117 8.71 -11.77 0.42
CA ASN A 117 8.97 -11.93 1.85
C ASN A 117 8.38 -10.78 2.64
N PRO A 118 7.63 -11.07 3.71
CA PRO A 118 7.12 -9.97 4.55
C PRO A 118 8.26 -9.20 5.18
N VAL A 119 8.17 -7.88 5.12
CA VAL A 119 9.17 -7.00 5.70
C VAL A 119 8.58 -5.98 6.66
N ALA A 120 7.24 -5.92 6.77
CA ALA A 120 6.61 -5.06 7.77
C ALA A 120 5.20 -5.57 7.95
N THR A 121 4.87 -5.97 9.18
CA THR A 121 3.61 -6.63 9.46
C THR A 121 2.99 -6.10 10.74
N VAL A 122 1.72 -5.72 10.69
CA VAL A 122 0.89 -5.53 11.88
C VAL A 122 -0.41 -6.27 11.63
N ASP A 123 -0.56 -7.40 12.32
CA ASP A 123 -1.65 -8.35 12.04
C ASP A 123 -2.81 -8.15 13.00
N ASN A 124 -3.23 -6.92 13.20
CA ASN A 124 -4.33 -6.61 14.11
C ASN A 124 -4.79 -5.19 13.90
N ASN A 125 -5.91 -4.84 14.51
CA ASN A 125 -6.40 -3.49 14.50
C ASN A 125 -5.68 -2.65 15.52
N GLN A 126 -5.63 -1.35 15.29
CA GLN A 126 -4.94 -0.43 16.19
C GLN A 126 -5.28 1.00 15.87
N SER A 127 -5.36 1.84 16.91
CA SER A 127 -5.33 3.28 16.72
C SER A 127 -3.95 3.65 16.24
N VAL A 128 -3.82 4.87 15.76
CA VAL A 128 -2.61 5.26 15.06
C VAL A 128 -1.36 4.92 15.85
N TYR A 129 -0.43 4.25 15.18
CA TYR A 129 0.79 3.84 15.83
C TYR A 129 1.89 3.70 14.80
N THR A 130 3.12 4.00 15.21
CA THR A 130 4.29 3.93 14.33
C THR A 130 5.21 2.84 14.81
N VAL A 131 5.50 1.88 13.93
CA VAL A 131 6.44 0.80 14.24
C VAL A 131 7.68 0.95 13.37
N THR A 132 8.84 0.86 14.01
CA THR A 132 10.10 0.73 13.30
C THR A 132 10.37 -0.76 13.13
N HIS A 133 10.36 -1.22 11.90
CA HIS A 133 10.47 -2.64 11.59
C HIS A 133 11.92 -3.06 11.43
N ALA A 134 12.14 -4.36 11.56
CA ALA A 134 13.45 -4.98 11.40
C ALA A 134 14.01 -4.81 10.00
N SER A 135 15.34 -4.77 9.91
N SER A 135 15.33 -4.79 9.92
CA SER A 135 15.99 -4.56 8.62
CA SER A 135 15.98 -4.62 8.63
C SER A 135 15.94 -5.81 7.74
C SER A 135 15.80 -5.82 7.72
N PHE A 136 16.02 -5.58 6.43
CA PHE A 136 16.08 -6.63 5.45
C PHE A 136 17.12 -6.23 4.41
N THR A 137 17.54 -7.22 3.61
CA THR A 137 18.54 -6.97 2.59
C THR A 137 17.99 -7.15 1.18
N ILE A 138 18.51 -6.36 0.27
CA ILE A 138 18.28 -6.49 -1.15
C ILE A 138 19.59 -6.97 -1.75
N SER A 139 19.53 -8.11 -2.45
CA SER A 139 20.73 -8.76 -2.96
CA SER A 139 20.75 -8.74 -2.94
C SER A 139 21.24 -8.16 -4.28
N GLU A 140 20.32 -7.73 -5.14
CA GLU A 140 20.70 -7.24 -6.46
C GLU A 140 19.98 -5.93 -6.77
N SER A 141 20.73 -4.92 -7.17
CA SER A 141 20.13 -3.64 -7.53
C SER A 141 19.14 -3.77 -8.68
N GLY A 142 18.06 -3.00 -8.63
CA GLY A 142 17.06 -2.98 -9.68
C GLY A 142 15.66 -2.83 -9.13
N TYR A 143 14.68 -3.09 -9.99
CA TYR A 143 13.29 -3.09 -9.57
C TYR A 143 12.99 -4.36 -8.79
N GLN A 144 12.57 -4.18 -7.54
CA GLN A 144 12.19 -5.29 -6.67
C GLN A 144 10.67 -5.41 -6.68
N ALA A 145 10.16 -6.62 -6.62
CA ALA A 145 8.72 -6.79 -6.49
C ALA A 145 8.28 -6.33 -5.12
N ILE A 146 7.15 -5.63 -5.05
CA ILE A 146 6.64 -5.18 -3.77
C ILE A 146 5.11 -5.28 -3.79
N ASP A 147 4.53 -5.66 -2.66
CA ASP A 147 3.10 -5.47 -2.49
C ASP A 147 2.79 -5.02 -1.09
N MET A 148 1.62 -4.43 -0.92
CA MET A 148 1.17 -3.93 0.36
C MET A 148 -0.31 -4.21 0.52
N ILE A 149 -0.72 -4.51 1.74
CA ILE A 149 -2.12 -4.40 2.11
C ILE A 149 -2.20 -3.51 3.34
N TRP A 150 -3.32 -2.82 3.47
CA TRP A 150 -3.64 -1.97 4.60
C TRP A 150 -5.15 -1.99 4.70
N TRP A 151 -5.71 -1.89 5.91
CA TRP A 151 -7.15 -1.76 6.02
C TRP A 151 -7.53 -0.89 7.20
N ASP A 152 -8.80 -0.50 7.17
CA ASP A 152 -9.50 0.21 8.24
C ASP A 152 -10.72 -0.59 8.67
N GLN A 153 -10.78 -0.97 9.94
CA GLN A 153 -11.95 -1.64 10.50
C GLN A 153 -13.05 -0.65 10.88
N GLY A 154 -12.75 0.64 10.79
CA GLY A 154 -13.67 1.67 11.23
C GLY A 154 -12.94 2.73 12.04
N GLY A 155 -13.55 3.91 12.08
CA GLY A 155 -13.02 5.02 12.86
C GLY A 155 -12.01 5.84 12.12
N ASP A 156 -10.84 6.01 12.72
CA ASP A 156 -9.76 6.76 12.09
CA ASP A 156 -9.78 6.76 12.08
C ASP A 156 -8.98 5.85 11.14
N TYR A 157 -8.19 6.48 10.28
CA TYR A 157 -7.44 5.75 9.25
C TYR A 157 -6.22 6.56 8.84
N VAL A 158 -5.08 5.88 8.69
CA VAL A 158 -3.86 6.50 8.18
C VAL A 158 -2.95 5.38 7.72
N PHE A 159 -2.12 5.65 6.70
CA PHE A 159 -1.15 4.67 6.25
C PHE A 159 0.02 5.37 5.61
N GLN A 160 1.17 5.34 6.25
CA GLN A 160 2.39 5.96 5.72
C GLN A 160 3.58 5.05 5.98
N PRO A 161 3.94 4.21 5.00
N PRO A 161 3.83 4.13 5.06
CA PRO A 161 5.07 3.29 5.17
CA PRO A 161 5.09 3.41 5.12
C PRO A 161 6.39 3.84 4.59
C PRO A 161 6.19 4.35 4.68
N THR A 162 7.25 4.38 5.46
CA THR A 162 8.47 5.04 5.02
C THR A 162 9.61 4.03 5.07
N LEU A 163 10.64 4.28 4.28
CA LEU A 163 11.75 3.35 4.12
C LEU A 163 13.07 4.05 4.36
N SER A 164 13.98 3.37 5.03
CA SER A 164 15.33 3.90 5.27
C SER A 164 16.36 3.01 4.59
N ALA A 165 17.35 3.65 3.96
CA ALA A 165 18.48 2.98 3.33
C ALA A 165 19.77 3.22 4.10
N ASP A 166 19.69 3.94 5.21
CA ASP A 166 20.89 4.38 5.91
C ASP A 166 20.83 4.07 7.39
N GLY A 167 20.25 2.92 7.71
CA GLY A 167 20.26 2.45 9.09
C GLY A 167 19.31 3.21 9.99
N GLY A 168 18.25 3.78 9.43
CA GLY A 168 17.26 4.43 10.26
C GLY A 168 17.53 5.88 10.55
N SER A 169 18.51 6.46 9.87
N SER A 169 18.52 6.47 9.92
CA SER A 169 18.89 7.87 10.04
CA SER A 169 18.76 7.88 10.16
C SER A 169 17.96 8.83 9.30
C SER A 169 17.78 8.75 9.39
N THR A 170 17.56 8.41 8.11
CA THR A 170 16.58 9.13 7.30
C THR A 170 15.63 8.13 6.66
N TYR A 171 14.41 8.60 6.42
CA TYR A 171 13.35 7.78 5.81
C TYR A 171 12.69 8.56 4.71
N PHE A 172 12.23 7.82 3.69
CA PHE A 172 11.51 8.43 2.58
C PHE A 172 10.19 7.71 2.30
N VAL A 173 9.24 8.46 1.76
CA VAL A 173 8.00 7.93 1.24
C VAL A 173 8.28 7.27 -0.12
N LEU A 174 7.57 6.17 -0.37
CA LEU A 174 7.62 5.53 -1.68
C LEU A 174 6.71 6.28 -2.64
N ASP A 175 7.30 6.82 -3.69
CA ASP A 175 6.55 7.63 -4.63
C ASP A 175 7.11 7.48 -6.05
N SER A 176 6.70 8.38 -6.92
CA SER A 176 7.02 8.26 -8.33
C SER A 176 8.51 8.30 -8.63
N ALA A 177 9.34 8.71 -7.69
CA ALA A 177 10.78 8.65 -7.93
C ALA A 177 11.30 7.24 -8.19
N ILE A 178 10.70 6.24 -7.54
CA ILE A 178 11.26 4.90 -7.58
C ILE A 178 10.23 3.79 -7.85
N LEU A 179 8.95 4.12 -7.91
CA LEU A 179 7.93 3.09 -8.16
C LEU A 179 7.73 2.86 -9.64
N SER A 180 7.41 1.62 -10.00
CA SER A 180 7.04 1.25 -11.36
C SER A 180 5.92 0.22 -11.31
N SER A 181 4.91 0.39 -12.14
CA SER A 181 3.79 -0.51 -12.10
C SER A 181 4.14 -1.88 -12.70
N THR A 182 5.06 -1.93 -13.65
CA THR A 182 5.35 -3.17 -14.39
C THR A 182 6.78 -3.64 -14.26
N GLY A 183 7.67 -2.82 -13.70
CA GLY A 183 9.09 -3.15 -13.67
C GLY A 183 9.89 -2.58 -14.82
N GLU A 184 9.21 -1.96 -15.78
CA GLU A 184 9.89 -1.17 -16.80
C GLU A 184 10.12 0.25 -16.26
N THR A 185 11.08 0.96 -16.83
CA THR A 185 11.37 2.30 -16.39
C THR A 185 10.27 3.27 -16.81
N PRO A 186 9.64 3.95 -15.85
CA PRO A 186 8.62 4.92 -16.24
C PRO A 186 9.25 6.28 -16.60
N TYR A 187 8.78 6.85 -17.72
CA TYR A 187 9.13 8.20 -18.17
C TYR A 187 7.84 9.03 -18.25
N THR A 188 7.24 9.27 -17.08
CA THR A 188 5.96 9.95 -17.00
C THR A 188 6.06 11.23 -16.18
CA CA B . -9.51 2.44 12.05
CA CA C . -15.68 -2.82 11.34
CA CA D . -3.56 13.52 -8.62
CA CA E . -17.79 6.84 -1.81
CA CA F . -1.10 -8.02 -18.50
CA CA G . -9.96 -9.64 -6.28
CA CA H . -2.57 13.50 1.59
CA CA I . 16.01 11.07 11.36
C1 GLC J . -9.96 3.21 17.76
C2 GLC J . -9.60 4.03 16.53
C3 GLC J . -9.87 3.22 15.29
C4 GLC J . -9.15 1.90 15.34
C5 GLC J . -9.61 1.12 16.61
C6 GLC J . -8.87 -0.21 16.75
O1 GLC J . -11.32 3.01 17.75
O2 GLC J . -10.33 5.24 16.50
O3 GLC J . -9.50 3.92 14.08
O4 GLC J . -9.56 1.14 14.18
O5 GLC J . -9.31 1.95 17.76
O6 GLC J . -9.44 -0.89 17.90
C2 BGC K . -9.61 4.01 16.51
C3 BGC K . -9.86 3.20 15.32
C4 BGC K . -9.16 1.91 15.36
C5 BGC K . -9.60 1.11 16.59
C6 BGC K . -8.88 -0.20 16.75
C1 BGC K . -10.09 3.21 17.76
O1 BGC K . -9.80 3.90 18.83
O2 BGC K . -10.34 5.23 16.49
O3 BGC K . -9.49 3.92 14.08
O4 BGC K . -9.56 1.13 14.17
O5 BGC K . -9.30 1.94 17.76
O6 BGC K . -9.44 -0.88 17.90
#